data_5O1B
#
_entry.id   5O1B
#
_cell.length_a   65.152
_cell.length_b   71.166
_cell.length_c   105.344
_cell.angle_alpha   90.00
_cell.angle_beta   90.00
_cell.angle_gamma   90.00
#
_symmetry.space_group_name_H-M   'P 21 21 21'
#
loop_
_entity.id
_entity.type
_entity.pdbx_description
1 polymer 'Cellular tumor antigen p53'
2 non-polymer 'ZINC ION'
3 non-polymer 6-(hydroxymethyl)-2,4-bis(iodanyl)-3-pyrrol-1-yl-phenol
4 non-polymer GLYCEROL
5 water water
#
_entity_poly.entity_id   1
_entity_poly.type   'polypeptide(L)'
_entity_poly.pdbx_seq_one_letter_code
;SSSVPSQKTYQGSYGFRLGFLHSGTAKSVTCTYSPALNKLFCQLAKTCPVQLWVDSTPPPGTRVRAMAIYKQSQHMTEVV
RRCPHHERCSDSDGLAPPQHLIRVEGNLRAEYLDDRNTFRHSVVVPCEPPEVGSDCTTIHYNYMCYSSCMGGMNRRPILT
IITLEDSSGNLLGRDSFEVRVCACPGRDRRTEEENLRKKGEPHHELPPGSTKRALPNNT
;
_entity_poly.pdbx_strand_id   A,B
#
loop_
_chem_comp.id
_chem_comp.type
_chem_comp.name
_chem_comp.formula
9H2 non-polymer 6-(hydroxymethyl)-2,4-bis(iodanyl)-3-pyrrol-1-yl-phenol 'C11 H9 I2 N O2'
GOL non-polymer GLYCEROL 'C3 H8 O3'
ZN non-polymer 'ZINC ION' 'Zn 2'
#
# COMPACT_ATOMS: atom_id res chain seq x y z
N SER A 3 -11.68 0.68 -8.11
CA SER A 3 -12.52 0.09 -7.10
C SER A 3 -11.86 0.12 -5.72
N VAL A 4 -10.63 0.65 -5.67
CA VAL A 4 -9.93 0.88 -4.41
C VAL A 4 -9.25 2.25 -4.43
N PRO A 5 -9.56 3.14 -3.49
CA PRO A 5 -8.89 4.44 -3.46
C PRO A 5 -7.42 4.28 -3.11
N SER A 6 -6.58 5.13 -3.71
CA SER A 6 -5.16 5.11 -3.43
C SER A 6 -4.88 5.58 -2.00
N GLN A 7 -3.86 5.00 -1.39
CA GLN A 7 -3.40 5.42 -0.06
C GLN A 7 -1.97 5.94 -0.09
N LYS A 8 -1.42 6.22 -1.27
CA LYS A 8 -0.04 6.63 -1.38
C LYS A 8 0.14 8.04 -0.81
N THR A 9 1.07 8.19 0.12
CA THR A 9 1.38 9.50 0.68
C THR A 9 1.91 10.41 -0.42
N TYR A 10 1.38 11.62 -0.49
CA TYR A 10 1.74 12.55 -1.56
C TYR A 10 1.66 13.97 -1.00
N GLN A 11 2.81 14.59 -0.75
CA GLN A 11 2.79 15.95 -0.22
C GLN A 11 2.30 16.95 -1.26
N GLY A 12 2.61 16.74 -2.53
CA GLY A 12 2.18 17.65 -3.57
C GLY A 12 2.88 19.01 -3.51
N SER A 13 2.36 19.92 -4.34
CA SER A 13 3.00 21.23 -4.52
C SER A 13 2.95 22.08 -3.27
N TYR A 14 2.00 21.83 -2.37
CA TYR A 14 1.83 22.66 -1.19
C TYR A 14 2.45 22.05 0.07
N GLY A 15 3.10 20.90 -0.04
CA GLY A 15 3.74 20.27 1.11
C GLY A 15 2.74 19.83 2.16
N PHE A 16 1.67 19.17 1.72
CA PHE A 16 0.56 18.79 2.59
C PHE A 16 0.92 17.56 3.42
N ARG A 17 0.65 17.64 4.73
CA ARG A 17 0.80 16.47 5.59
C ARG A 17 -0.04 16.66 6.85
N LEU A 18 -0.31 15.56 7.54
CA LEU A 18 -1.10 15.59 8.76
C LEU A 18 -0.21 15.77 9.98
N GLY A 19 -0.84 16.12 11.11
CA GLY A 19 -0.17 16.14 12.39
C GLY A 19 -1.15 15.71 13.47
N PHE A 20 -0.61 15.19 14.57
CA PHE A 20 -1.43 14.71 15.66
C PHE A 20 -0.90 15.24 17.00
N LEU A 21 -1.80 15.45 17.94
CA LEU A 21 -1.42 15.85 19.28
C LEU A 21 -0.71 14.70 20.00
N HIS A 22 -0.12 15.03 21.15
CA HIS A 22 0.56 14.04 22.00
C HIS A 22 -0.27 13.90 23.27
N SER A 23 -1.24 12.99 23.22
N SER A 23 -1.25 13.00 23.23
CA SER A 23 -2.24 12.85 24.27
CA SER A 23 -2.22 12.88 24.31
C SER A 23 -1.88 11.80 25.32
C SER A 23 -1.87 11.81 25.33
N GLY A 24 -0.87 10.98 25.07
CA GLY A 24 -0.46 9.99 26.04
C GLY A 24 -1.36 8.76 26.03
N THR A 25 -1.11 7.86 26.99
CA THR A 25 -1.77 6.56 27.00
C THR A 25 -2.44 6.25 28.34
N ALA A 26 -2.81 7.27 29.10
CA ALA A 26 -3.52 7.02 30.35
C ALA A 26 -4.83 6.30 30.06
N LYS A 27 -5.31 5.55 31.07
CA LYS A 27 -6.53 4.77 30.90
C LYS A 27 -7.72 5.64 30.51
N SER A 28 -7.70 6.91 30.92
CA SER A 28 -8.82 7.83 30.67
C SER A 28 -8.77 8.52 29.31
N VAL A 29 -7.70 8.36 28.55
CA VAL A 29 -7.56 9.11 27.30
C VAL A 29 -8.64 8.69 26.31
N THR A 30 -9.18 9.65 25.55
CA THR A 30 -10.27 9.37 24.62
C THR A 30 -9.82 9.28 23.18
N CYS A 31 -8.63 9.77 22.87
CA CYS A 31 -8.07 9.75 21.53
C CYS A 31 -6.57 9.86 21.68
N THR A 32 -5.83 8.98 21.02
CA THR A 32 -4.38 9.03 21.12
C THR A 32 -3.75 8.44 19.86
N TYR A 33 -2.68 9.06 19.40
CA TYR A 33 -2.04 8.69 18.15
C TYR A 33 -0.68 8.05 18.41
N SER A 34 -0.43 6.93 17.74
CA SER A 34 0.85 6.23 17.83
C SER A 34 1.66 6.49 16.57
N PRO A 35 2.72 7.30 16.65
CA PRO A 35 3.60 7.45 15.47
C PRO A 35 4.26 6.15 15.04
N ALA A 36 4.66 5.29 16.00
CA ALA A 36 5.35 4.06 15.63
C ALA A 36 4.46 3.15 14.80
N LEU A 37 3.15 3.17 15.06
CA LEU A 37 2.19 2.35 14.32
C LEU A 37 1.47 3.12 13.21
N ASN A 38 1.67 4.43 13.12
CA ASN A 38 0.84 5.34 12.31
C ASN A 38 -0.63 5.01 12.49
N LYS A 39 -1.08 5.04 13.74
CA LYS A 39 -2.41 4.53 14.07
C LYS A 39 -3.04 5.40 15.13
N LEU A 40 -4.26 5.84 14.87
CA LEU A 40 -5.05 6.60 15.83
C LEU A 40 -5.96 5.62 16.59
N PHE A 41 -6.02 5.76 17.91
CA PHE A 41 -6.90 4.98 18.77
C PHE A 41 -7.89 5.93 19.41
N CYS A 42 -9.19 5.65 19.29
CA CYS A 42 -10.15 6.61 19.82
C CYS A 42 -11.40 5.87 20.31
N GLN A 43 -12.10 6.54 21.23
CA GLN A 43 -13.40 6.08 21.70
C GLN A 43 -14.50 6.45 20.70
N LEU A 44 -15.63 5.76 20.84
CA LEU A 44 -16.76 5.95 19.96
C LEU A 44 -17.31 7.37 20.07
N ALA A 45 -17.41 8.05 18.91
CA ALA A 45 -18.08 9.36 18.81
C ALA A 45 -17.39 10.43 19.66
N LYS A 46 -16.10 10.29 19.90
CA LYS A 46 -15.34 11.32 20.61
C LYS A 46 -14.49 12.13 19.64
N THR A 47 -14.15 13.34 20.07
CA THR A 47 -13.40 14.27 19.22
C THR A 47 -12.01 13.73 18.89
N CYS A 48 -11.68 13.67 17.61
CA CYS A 48 -10.35 13.29 17.13
C CYS A 48 -9.73 14.47 16.40
N PRO A 49 -8.83 15.22 17.04
CA PRO A 49 -8.21 16.37 16.37
C PRO A 49 -7.14 15.92 15.40
N VAL A 50 -7.27 16.35 14.15
CA VAL A 50 -6.28 16.04 13.12
C VAL A 50 -5.77 17.38 12.57
N GLN A 51 -4.47 17.61 12.68
CA GLN A 51 -3.87 18.82 12.16
C GLN A 51 -3.56 18.69 10.68
N LEU A 52 -3.73 19.78 9.96
CA LEU A 52 -3.34 19.89 8.56
C LEU A 52 -2.20 20.89 8.49
N TRP A 53 -1.11 20.50 7.83
CA TRP A 53 0.07 21.32 7.69
C TRP A 53 0.39 21.46 6.22
N VAL A 54 0.78 22.67 5.80
CA VAL A 54 1.25 22.92 4.44
C VAL A 54 2.47 23.82 4.52
N ASP A 55 3.30 23.74 3.47
CA ASP A 55 4.42 24.66 3.32
C ASP A 55 4.04 25.96 2.62
N SER A 56 2.99 25.94 1.81
CA SER A 56 2.52 27.14 1.14
C SER A 56 1.00 27.06 1.03
N THR A 57 0.38 28.23 0.85
CA THR A 57 -1.08 28.31 0.92
C THR A 57 -1.72 27.82 -0.37
N PRO A 58 -2.63 26.85 -0.30
CA PRO A 58 -3.33 26.40 -1.52
C PRO A 58 -4.34 27.42 -1.98
N PRO A 59 -4.81 27.32 -3.22
CA PRO A 59 -5.72 28.33 -3.78
C PRO A 59 -7.08 28.35 -3.08
N PRO A 60 -7.80 29.47 -3.17
CA PRO A 60 -9.18 29.50 -2.67
C PRO A 60 -10.01 28.43 -3.37
N GLY A 61 -10.84 27.75 -2.60
CA GLY A 61 -11.63 26.66 -3.12
C GLY A 61 -11.04 25.29 -2.91
N THR A 62 -9.81 25.21 -2.39
CA THR A 62 -9.24 23.92 -2.03
C THR A 62 -10.05 23.33 -0.87
N ARG A 63 -10.19 22.00 -0.88
CA ARG A 63 -10.95 21.29 0.15
C ARG A 63 -10.16 20.10 0.69
N VAL A 64 -10.63 19.58 1.83
CA VAL A 64 -9.98 18.46 2.51
C VAL A 64 -11.04 17.38 2.73
N ARG A 65 -10.79 16.19 2.18
CA ARG A 65 -11.75 15.08 2.22
C ARG A 65 -11.19 13.96 3.08
N ALA A 66 -12.07 13.30 3.84
CA ALA A 66 -11.73 12.10 4.61
C ALA A 66 -12.59 10.93 4.16
N MET A 67 -11.97 9.76 4.06
CA MET A 67 -12.64 8.54 3.62
C MET A 67 -11.98 7.37 4.32
N ALA A 68 -12.77 6.36 4.71
CA ALA A 68 -12.23 5.16 5.32
C ALA A 68 -12.23 4.02 4.31
N ILE A 69 -11.17 3.19 4.36
CA ILE A 69 -11.13 1.93 3.63
C ILE A 69 -10.65 0.84 4.56
N TYR A 70 -10.97 -0.42 4.23
CA TYR A 70 -10.38 -1.53 4.97
C TYR A 70 -8.89 -1.64 4.66
N LYS A 71 -8.10 -1.96 5.68
CA LYS A 71 -6.66 -2.02 5.51
CA LYS A 71 -6.65 -2.01 5.52
C LYS A 71 -6.20 -3.31 4.83
N GLN A 72 -6.87 -4.42 5.12
CA GLN A 72 -6.49 -5.71 4.54
C GLN A 72 -6.95 -5.80 3.10
N SER A 73 -6.05 -6.26 2.22
CA SER A 73 -6.32 -6.24 0.79
C SER A 73 -7.56 -7.04 0.42
N GLN A 74 -7.80 -8.16 1.11
CA GLN A 74 -8.94 -9.01 0.80
C GLN A 74 -10.28 -8.37 1.17
N HIS A 75 -10.28 -7.26 1.89
CA HIS A 75 -11.49 -6.52 2.23
C HIS A 75 -11.55 -5.15 1.60
N MET A 76 -10.54 -4.76 0.82
CA MET A 76 -10.42 -3.37 0.43
C MET A 76 -11.52 -2.92 -0.53
N THR A 77 -12.14 -3.82 -1.28
CA THR A 77 -13.21 -3.40 -2.17
C THR A 77 -14.55 -3.21 -1.46
N GLU A 78 -14.66 -3.60 -0.18
CA GLU A 78 -15.90 -3.44 0.55
C GLU A 78 -16.00 -2.02 1.12
N VAL A 79 -17.17 -1.39 0.93
CA VAL A 79 -17.40 -0.05 1.47
C VAL A 79 -17.40 -0.12 3.00
N VAL A 80 -16.61 0.75 3.64
CA VAL A 80 -16.65 0.89 5.10
C VAL A 80 -17.90 1.70 5.45
N ARG A 81 -18.75 1.13 6.30
CA ARG A 81 -19.99 1.80 6.68
C ARG A 81 -20.30 1.47 8.13
N ARG A 82 -21.26 2.20 8.70
CA ARG A 82 -21.71 1.88 10.05
C ARG A 82 -22.49 0.57 10.05
N CYS A 83 -22.47 -0.10 11.22
CA CYS A 83 -23.05 -1.42 11.37
C CYS A 83 -24.58 -1.34 11.39
N PRO A 84 -25.26 -2.50 11.33
CA PRO A 84 -26.72 -2.47 11.27
C PRO A 84 -27.38 -1.85 12.50
N HIS A 85 -26.70 -1.89 13.65
CA HIS A 85 -27.23 -1.22 14.83
C HIS A 85 -27.03 0.29 14.75
N HIS A 86 -25.79 0.73 14.55
CA HIS A 86 -25.51 2.16 14.65
C HIS A 86 -26.13 2.96 13.52
N GLU A 87 -26.30 2.37 12.33
CA GLU A 87 -26.97 3.14 11.28
C GLU A 87 -28.43 3.43 11.60
N ARG A 88 -29.01 2.75 12.59
CA ARG A 88 -30.41 2.90 12.97
C ARG A 88 -30.61 3.54 14.33
N CYS A 89 -29.57 4.05 14.97
N CYS A 89 -29.55 4.06 14.95
CA CYS A 89 -29.73 4.54 16.33
CA CYS A 89 -29.64 4.57 16.32
C CYS A 89 -30.14 6.01 16.43
C CYS A 89 -30.30 5.94 16.41
N SER A 90 -30.40 6.67 15.30
CA SER A 90 -30.97 8.02 15.29
C SER A 90 -30.10 9.02 16.07
N ASP A 91 -28.79 8.86 15.96
CA ASP A 91 -27.85 9.82 16.54
C ASP A 91 -27.41 10.89 15.55
N SER A 92 -28.29 11.26 14.62
CA SER A 92 -27.95 12.20 13.57
C SER A 92 -27.60 13.57 14.16
N ASP A 93 -26.63 14.24 13.53
CA ASP A 93 -26.33 15.63 13.85
C ASP A 93 -27.07 16.60 12.93
N GLY A 94 -27.94 16.09 12.06
CA GLY A 94 -28.65 16.91 11.11
C GLY A 94 -27.97 17.08 9.76
N LEU A 95 -26.75 16.57 9.61
CA LEU A 95 -26.00 16.75 8.37
C LEU A 95 -25.41 15.43 7.89
N ALA A 96 -24.78 14.67 8.78
CA ALA A 96 -24.17 13.41 8.38
C ALA A 96 -25.25 12.36 8.12
N PRO A 97 -25.21 11.66 7.00
CA PRO A 97 -26.11 10.52 6.83
C PRO A 97 -25.85 9.49 7.90
N PRO A 98 -26.88 8.78 8.35
CA PRO A 98 -26.68 7.83 9.46
C PRO A 98 -25.78 6.66 9.12
N GLN A 99 -25.53 6.38 7.84
CA GLN A 99 -24.65 5.28 7.45
C GLN A 99 -23.16 5.63 7.52
N HIS A 100 -22.81 6.92 7.57
CA HIS A 100 -21.41 7.32 7.45
C HIS A 100 -20.63 7.10 8.75
N LEU A 101 -19.48 6.42 8.63
CA LEU A 101 -18.63 6.20 9.80
C LEU A 101 -17.98 7.49 10.29
N ILE A 102 -17.45 8.30 9.37
CA ILE A 102 -16.66 9.48 9.74
C ILE A 102 -17.53 10.72 9.63
N ARG A 103 -17.58 11.50 10.70
CA ARG A 103 -18.22 12.81 10.70
C ARG A 103 -17.19 13.89 11.00
N VAL A 104 -17.48 15.10 10.55
CA VAL A 104 -16.74 16.29 10.97
C VAL A 104 -17.59 16.99 12.02
N GLU A 105 -16.96 17.35 13.13
CA GLU A 105 -17.64 18.01 14.23
C GLU A 105 -17.49 19.52 14.10
N GLY A 106 -18.59 20.24 14.32
CA GLY A 106 -18.53 21.69 14.46
C GLY A 106 -18.14 22.47 13.22
N ASN A 107 -18.58 22.03 12.04
CA ASN A 107 -18.31 22.75 10.80
C ASN A 107 -19.56 22.66 9.93
N LEU A 108 -20.32 23.75 9.86
CA LEU A 108 -21.56 23.74 9.10
C LEU A 108 -21.34 23.67 7.59
N ARG A 109 -20.09 23.83 7.12
CA ARG A 109 -19.79 23.74 5.70
C ARG A 109 -19.32 22.36 5.29
N ALA A 110 -19.35 21.39 6.20
CA ALA A 110 -19.02 20.02 5.86
C ALA A 110 -20.05 19.47 4.89
N GLU A 111 -19.59 18.71 3.90
CA GLU A 111 -20.45 18.06 2.94
C GLU A 111 -20.18 16.57 2.96
N TYR A 112 -21.25 15.78 2.90
CA TYR A 112 -21.16 14.34 2.94
C TYR A 112 -21.51 13.78 1.58
N LEU A 113 -20.64 12.92 1.04
CA LEU A 113 -20.81 12.34 -0.28
C LEU A 113 -21.05 10.85 -0.18
N ASP A 114 -22.09 10.38 -0.89
CA ASP A 114 -22.24 8.98 -1.26
C ASP A 114 -21.86 8.90 -2.73
N ASP A 115 -20.73 8.28 -3.04
CA ASP A 115 -20.23 8.29 -4.40
C ASP A 115 -21.18 7.51 -5.30
N ARG A 116 -21.62 8.13 -6.40
CA ARG A 116 -22.63 7.51 -7.25
C ARG A 116 -22.11 6.29 -7.99
N ASN A 117 -20.80 6.12 -8.11
CA ASN A 117 -20.20 5.00 -8.81
C ASN A 117 -19.59 3.96 -7.90
N THR A 118 -18.86 4.37 -6.85
CA THR A 118 -18.22 3.41 -5.94
C THR A 118 -19.04 3.13 -4.70
N PHE A 119 -20.04 3.96 -4.40
CA PHE A 119 -20.87 3.87 -3.20
C PHE A 119 -20.10 4.16 -1.92
N ARG A 120 -18.85 4.60 -2.00
CA ARG A 120 -18.09 4.90 -0.80
C ARG A 120 -18.52 6.24 -0.23
N HIS A 121 -18.35 6.36 1.08
CA HIS A 121 -18.73 7.55 1.83
C HIS A 121 -17.50 8.42 2.06
N SER A 122 -17.72 9.73 2.08
CA SER A 122 -16.66 10.64 2.48
C SER A 122 -17.28 11.91 3.01
N VAL A 123 -16.46 12.68 3.73
CA VAL A 123 -16.86 13.97 4.26
C VAL A 123 -15.78 14.99 3.88
N VAL A 124 -16.20 16.13 3.38
CA VAL A 124 -15.27 17.10 2.82
C VAL A 124 -15.59 18.48 3.36
N VAL A 125 -14.55 19.24 3.69
CA VAL A 125 -14.70 20.61 4.20
C VAL A 125 -13.82 21.57 3.42
N PRO A 126 -14.18 22.85 3.36
CA PRO A 126 -13.29 23.84 2.74
C PRO A 126 -12.04 24.05 3.56
N CYS A 127 -10.94 24.31 2.87
CA CYS A 127 -9.74 24.73 3.56
C CYS A 127 -9.94 26.13 4.12
N GLU A 128 -9.57 26.32 5.38
CA GLU A 128 -9.57 27.64 5.95
C GLU A 128 -8.20 27.88 6.59
N PRO A 129 -7.68 29.09 6.50
CA PRO A 129 -6.35 29.38 7.05
C PRO A 129 -6.35 29.22 8.56
N PRO A 130 -5.17 28.98 9.16
CA PRO A 130 -5.08 28.96 10.62
C PRO A 130 -5.50 30.29 11.22
N GLU A 131 -6.03 30.22 12.45
CA GLU A 131 -6.32 31.43 13.19
C GLU A 131 -5.02 32.17 13.49
N VAL A 132 -5.13 33.49 13.67
CA VAL A 132 -3.95 34.29 13.98
C VAL A 132 -3.29 33.74 15.23
N GLY A 133 -1.98 33.50 15.14
CA GLY A 133 -1.24 32.90 16.23
C GLY A 133 -1.04 31.40 16.11
N SER A 134 -1.67 30.76 15.13
CA SER A 134 -1.52 29.33 14.90
C SER A 134 -0.79 29.09 13.59
N ASP A 135 -0.11 27.94 13.50
CA ASP A 135 0.64 27.57 12.32
C ASP A 135 -0.01 26.46 11.52
N CYS A 136 -1.10 25.89 12.01
CA CYS A 136 -1.79 24.82 11.29
C CYS A 136 -3.28 24.97 11.53
N THR A 137 -4.05 24.21 10.76
CA THR A 137 -5.50 24.15 10.90
C THR A 137 -5.83 22.76 11.43
N THR A 138 -6.83 22.67 12.30
CA THR A 138 -7.24 21.40 12.88
C THR A 138 -8.67 21.10 12.48
N ILE A 139 -8.91 19.86 12.03
CA ILE A 139 -10.25 19.35 11.80
C ILE A 139 -10.58 18.38 12.91
N HIS A 140 -11.81 18.42 13.41
CA HIS A 140 -12.26 17.52 14.47
C HIS A 140 -13.15 16.45 13.87
N TYR A 141 -12.67 15.21 13.84
CA TYR A 141 -13.42 14.09 13.31
C TYR A 141 -14.04 13.26 14.44
N ASN A 142 -15.12 12.57 14.11
CA ASN A 142 -15.72 11.56 14.99
C ASN A 142 -15.87 10.28 14.21
N TYR A 143 -15.61 9.15 14.87
CA TYR A 143 -15.83 7.83 14.30
C TYR A 143 -17.01 7.20 15.01
N MET A 144 -18.01 6.76 14.22
CA MET A 144 -19.35 6.51 14.75
C MET A 144 -19.70 5.03 14.92
N CYS A 145 -18.72 4.13 14.82
CA CYS A 145 -18.86 2.72 15.15
C CYS A 145 -17.56 2.25 15.77
N TYR A 146 -17.64 1.22 16.60
CA TYR A 146 -16.45 0.54 17.09
C TYR A 146 -15.85 -0.35 16.01
N SER A 147 -14.52 -0.52 16.07
CA SER A 147 -13.89 -1.48 15.16
C SER A 147 -14.50 -2.86 15.27
N SER A 148 -15.01 -3.21 16.46
CA SER A 148 -15.55 -4.54 16.72
C SER A 148 -17.01 -4.73 16.30
N CYS A 149 -17.68 -3.69 15.80
CA CYS A 149 -19.14 -3.78 15.61
C CYS A 149 -19.50 -4.92 14.66
N MET A 150 -20.37 -5.81 15.13
CA MET A 150 -20.79 -6.94 14.31
C MET A 150 -21.64 -6.47 13.14
N GLY A 151 -21.42 -7.09 11.98
CA GLY A 151 -22.10 -6.68 10.77
C GLY A 151 -21.59 -5.39 10.16
N GLY A 152 -20.63 -4.72 10.80
CA GLY A 152 -19.98 -3.55 10.23
C GLY A 152 -18.50 -3.83 10.07
N MET A 153 -17.64 -3.05 10.73
CA MET A 153 -16.21 -3.29 10.60
C MET A 153 -15.81 -4.69 11.08
N ASN A 154 -16.50 -5.22 12.09
CA ASN A 154 -16.37 -6.63 12.46
C ASN A 154 -14.92 -7.03 12.77
N ARG A 155 -14.22 -6.18 13.51
CA ARG A 155 -12.85 -6.35 13.99
CA ARG A 155 -12.84 -6.36 13.99
C ARG A 155 -11.80 -6.14 12.89
N ARG A 156 -12.21 -5.77 11.68
CA ARG A 156 -11.25 -5.54 10.62
C ARG A 156 -10.66 -4.15 10.74
N PRO A 157 -9.33 -4.01 10.67
CA PRO A 157 -8.72 -2.68 10.73
CA PRO A 157 -8.74 -2.67 10.74
C PRO A 157 -9.07 -1.82 9.52
N ILE A 158 -9.15 -0.52 9.75
CA ILE A 158 -9.40 0.45 8.70
C ILE A 158 -8.28 1.48 8.65
N LEU A 159 -8.17 2.12 7.49
N LEU A 159 -8.25 2.21 7.54
CA LEU A 159 -7.37 3.32 7.31
CA LEU A 159 -7.32 3.31 7.32
C LEU A 159 -8.32 4.49 7.05
C LEU A 159 -8.13 4.51 6.87
N THR A 160 -7.92 5.67 7.51
CA THR A 160 -8.51 6.92 7.03
C THR A 160 -7.54 7.55 6.05
N ILE A 161 -8.04 7.92 4.88
CA ILE A 161 -7.29 8.63 3.85
C ILE A 161 -7.76 10.07 3.83
N ILE A 162 -6.83 11.01 4.01
CA ILE A 162 -7.14 12.43 3.96
C ILE A 162 -6.54 12.99 2.68
N THR A 163 -7.39 13.58 1.84
CA THR A 163 -6.95 14.12 0.56
C THR A 163 -7.17 15.63 0.52
N LEU A 164 -6.17 16.35 0.04
CA LEU A 164 -6.32 17.75 -0.31
C LEU A 164 -6.71 17.79 -1.78
N GLU A 165 -7.79 18.51 -2.10
CA GLU A 165 -8.35 18.51 -3.45
C GLU A 165 -8.59 19.92 -3.94
N ASP A 166 -8.50 20.11 -5.27
CA ASP A 166 -8.89 21.40 -5.82
C ASP A 166 -10.42 21.49 -5.90
N SER A 167 -10.91 22.60 -6.45
CA SER A 167 -12.35 22.85 -6.47
C SER A 167 -13.11 21.85 -7.33
N SER A 168 -12.45 21.20 -8.29
CA SER A 168 -13.04 20.15 -9.12
C SER A 168 -12.88 18.76 -8.55
N GLY A 169 -12.21 18.62 -7.42
CA GLY A 169 -11.97 17.32 -6.82
C GLY A 169 -10.66 16.66 -7.24
N ASN A 170 -9.82 17.35 -8.01
CA ASN A 170 -8.55 16.75 -8.43
C ASN A 170 -7.57 16.71 -7.26
N LEU A 171 -6.70 15.71 -7.29
CA LEU A 171 -5.79 15.46 -6.18
C LEU A 171 -4.69 16.51 -6.09
N LEU A 172 -4.51 17.08 -4.90
CA LEU A 172 -3.39 17.96 -4.60
C LEU A 172 -2.42 17.41 -3.57
N GLY A 173 -2.88 16.52 -2.70
CA GLY A 173 -2.08 15.95 -1.63
C GLY A 173 -2.85 14.85 -0.96
N ARG A 174 -2.11 13.94 -0.31
CA ARG A 174 -2.73 12.80 0.34
C ARG A 174 -1.89 12.33 1.52
N ASP A 175 -2.57 11.92 2.58
CA ASP A 175 -1.93 11.31 3.75
C ASP A 175 -2.93 10.30 4.31
N SER A 176 -2.48 9.48 5.25
CA SER A 176 -3.36 8.43 5.77
C SER A 176 -2.85 7.92 7.10
N PHE A 177 -3.74 7.26 7.85
CA PHE A 177 -3.40 6.67 9.13
C PHE A 177 -4.41 5.56 9.41
N GLU A 178 -3.93 4.53 10.11
CA GLU A 178 -4.82 3.47 10.57
C GLU A 178 -5.64 4.00 11.75
N VAL A 179 -6.84 3.44 11.93
CA VAL A 179 -7.72 3.80 13.04
C VAL A 179 -8.24 2.54 13.72
N ARG A 180 -8.23 2.55 15.05
CA ARG A 180 -8.96 1.58 15.87
C ARG A 180 -9.92 2.36 16.76
N VAL A 181 -11.20 2.05 16.66
CA VAL A 181 -12.21 2.66 17.53
C VAL A 181 -12.52 1.64 18.61
N CYS A 182 -12.26 2.01 19.86
CA CYS A 182 -12.26 1.01 20.94
C CYS A 182 -12.60 1.70 22.26
N ALA A 183 -12.92 0.87 23.26
CA ALA A 183 -13.34 1.40 24.56
C ALA A 183 -12.18 2.02 25.34
N CYS A 184 -10.97 1.48 25.21
CA CYS A 184 -9.81 1.94 25.99
C CYS A 184 -8.64 2.19 25.06
N PRO A 185 -8.62 3.35 24.39
CA PRO A 185 -7.51 3.65 23.45
C PRO A 185 -6.14 3.67 24.09
N GLY A 186 -6.03 4.16 25.33
CA GLY A 186 -4.72 4.24 25.96
C GLY A 186 -4.12 2.85 26.19
N ARG A 187 -4.92 1.93 26.72
CA ARG A 187 -4.43 0.57 26.93
C ARG A 187 -4.14 -0.12 25.60
N ASP A 188 -5.01 0.06 24.61
CA ASP A 188 -4.79 -0.61 23.34
C ASP A 188 -3.55 -0.08 22.64
N ARG A 189 -3.30 1.24 22.72
CA ARG A 189 -2.07 1.78 22.14
C ARG A 189 -0.85 1.19 22.82
N ARG A 190 -0.86 1.13 24.15
CA ARG A 190 0.27 0.54 24.87
C ARG A 190 0.49 -0.91 24.47
N THR A 191 -0.60 -1.68 24.39
CA THR A 191 -0.49 -3.09 24.03
C THR A 191 0.10 -3.27 22.63
N GLU A 192 -0.43 -2.52 21.65
CA GLU A 192 0.02 -2.72 20.28
C GLU A 192 1.45 -2.22 20.09
N GLU A 193 1.83 -1.14 20.77
CA GLU A 193 3.23 -0.69 20.71
C GLU A 193 4.16 -1.70 21.37
N GLU A 194 3.71 -2.36 22.42
CA GLU A 194 4.51 -3.42 23.03
C GLU A 194 4.66 -4.61 22.08
N ASN A 195 3.57 -5.00 21.41
CA ASN A 195 3.65 -6.09 20.44
C ASN A 195 4.64 -5.77 19.33
N LEU A 196 4.59 -4.55 18.81
CA LEU A 196 5.52 -4.14 17.78
C LEU A 196 6.95 -4.20 18.27
N ARG A 197 7.19 -3.75 19.51
CA ARG A 197 8.54 -3.80 20.07
C ARG A 197 9.02 -5.24 20.24
N LYS A 198 8.14 -6.12 20.73
CA LYS A 198 8.54 -7.52 20.92
C LYS A 198 8.85 -8.21 19.59
N LYS A 199 8.34 -7.70 18.48
CA LYS A 199 8.66 -8.23 17.17
C LYS A 199 9.85 -7.48 16.57
CA SER B 1 2.90 -24.05 -23.20
C SER B 1 3.11 -22.71 -23.90
N SER B 2 4.05 -21.93 -23.38
CA SER B 2 4.39 -20.63 -23.97
C SER B 2 5.90 -20.54 -24.18
N SER B 3 6.33 -19.71 -25.14
CA SER B 3 7.76 -19.51 -25.36
C SER B 3 8.40 -18.90 -24.10
N VAL B 4 9.72 -19.03 -24.01
CA VAL B 4 10.45 -18.73 -22.78
C VAL B 4 11.17 -17.40 -22.94
N PRO B 5 10.84 -16.39 -22.14
CA PRO B 5 11.55 -15.11 -22.22
C PRO B 5 13.01 -15.27 -21.81
N SER B 6 13.88 -14.49 -22.44
CA SER B 6 15.29 -14.53 -22.09
C SER B 6 15.51 -14.00 -20.68
N GLN B 7 16.47 -14.61 -19.99
CA GLN B 7 16.92 -14.13 -18.69
C GLN B 7 18.35 -13.65 -18.73
N LYS B 8 18.93 -13.46 -19.91
CA LYS B 8 20.36 -13.14 -20.00
C LYS B 8 20.61 -11.70 -19.59
N THR B 9 21.60 -11.51 -18.71
CA THR B 9 21.95 -10.17 -18.28
C THR B 9 22.47 -9.35 -19.46
N TYR B 10 21.97 -8.11 -19.57
CA TYR B 10 22.30 -7.26 -20.70
C TYR B 10 22.25 -5.81 -20.22
N GLN B 11 23.41 -5.20 -20.00
CA GLN B 11 23.41 -3.82 -19.51
C GLN B 11 22.93 -2.84 -20.57
N GLY B 12 23.26 -3.07 -21.84
CA GLY B 12 22.83 -2.19 -22.90
C GLY B 12 23.52 -0.84 -22.87
N SER B 13 23.00 0.06 -23.72
CA SER B 13 23.64 1.34 -23.96
C SER B 13 23.65 2.22 -22.72
N TYR B 14 22.68 2.04 -21.81
CA TYR B 14 22.56 2.89 -20.64
C TYR B 14 23.22 2.32 -19.38
N GLY B 15 23.86 1.14 -19.48
CA GLY B 15 24.50 0.54 -18.33
C GLY B 15 23.52 0.16 -17.24
N PHE B 16 22.43 -0.49 -17.64
CA PHE B 16 21.32 -0.80 -16.73
C PHE B 16 21.63 -2.02 -15.87
N ARG B 17 21.40 -1.90 -14.56
CA ARG B 17 21.52 -3.04 -13.66
C ARG B 17 20.72 -2.79 -12.39
N LEU B 18 20.43 -3.88 -11.67
CA LEU B 18 19.65 -3.79 -10.45
C LEU B 18 20.55 -3.58 -9.23
N GLY B 19 19.92 -3.17 -8.13
CA GLY B 19 20.57 -3.19 -6.83
C GLY B 19 19.55 -3.49 -5.76
N PHE B 20 20.06 -3.92 -4.60
CA PHE B 20 19.19 -4.32 -3.49
C PHE B 20 19.74 -3.73 -2.20
N LEU B 21 18.84 -3.41 -1.29
CA LEU B 21 19.22 -2.97 0.05
C LEU B 21 19.94 -4.11 0.79
N HIS B 22 20.61 -3.74 1.88
CA HIS B 22 21.26 -4.71 2.75
C HIS B 22 20.45 -4.80 4.04
N SER B 23 19.44 -5.67 4.02
CA SER B 23 18.45 -5.71 5.09
C SER B 23 18.76 -6.70 6.20
N GLY B 24 19.75 -7.56 6.02
CA GLY B 24 20.11 -8.51 7.06
C GLY B 24 19.18 -9.71 7.10
N THR B 25 19.40 -10.54 8.13
CA THR B 25 18.71 -11.83 8.20
C THR B 25 17.99 -12.04 9.54
N ALA B 26 17.65 -10.96 10.23
CA ALA B 26 16.91 -11.10 11.48
C ALA B 26 15.56 -11.79 11.23
N LYS B 27 15.04 -12.42 12.28
CA LYS B 27 13.80 -13.17 12.14
C LYS B 27 12.65 -12.25 11.71
N SER B 28 12.73 -10.96 12.02
CA SER B 28 11.66 -10.02 11.74
C SER B 28 11.70 -9.43 10.33
N VAL B 29 12.76 -9.67 9.56
CA VAL B 29 12.93 -8.98 8.29
C VAL B 29 11.88 -9.47 7.30
N THR B 30 11.35 -8.53 6.49
CA THR B 30 10.27 -8.84 5.56
C THR B 30 10.74 -9.08 4.15
N CYS B 31 11.95 -8.62 3.81
CA CYS B 31 12.52 -8.79 2.49
C CYS B 31 14.02 -8.72 2.67
N THR B 32 14.76 -9.66 2.08
CA THR B 32 16.21 -9.64 2.17
C THR B 32 16.81 -10.30 0.95
N TYR B 33 17.92 -9.75 0.46
CA TYR B 33 18.53 -10.19 -0.79
C TYR B 33 19.88 -10.85 -0.51
N SER B 34 20.11 -12.01 -1.14
CA SER B 34 21.37 -12.71 -1.01
C SER B 34 22.20 -12.51 -2.28
N PRO B 35 23.29 -11.74 -2.23
CA PRO B 35 24.16 -11.64 -3.42
C PRO B 35 24.76 -12.98 -3.81
N ALA B 36 25.16 -13.80 -2.82
CA ALA B 36 25.81 -15.06 -3.13
C ALA B 36 24.90 -15.99 -3.92
N LEU B 37 23.59 -15.93 -3.66
CA LEU B 37 22.62 -16.76 -4.36
C LEU B 37 21.90 -16.02 -5.49
N ASN B 38 22.14 -14.71 -5.63
CA ASN B 38 21.32 -13.84 -6.49
C ASN B 38 19.84 -14.12 -6.28
N LYS B 39 19.42 -14.07 -5.01
CA LYS B 39 18.08 -14.53 -4.66
C LYS B 39 17.47 -13.59 -3.63
N LEU B 40 16.26 -13.14 -3.93
CA LEU B 40 15.48 -12.31 -3.02
C LEU B 40 14.55 -13.22 -2.22
N PHE B 41 14.51 -13.02 -0.91
CA PHE B 41 13.61 -13.74 0.00
C PHE B 41 12.64 -12.73 0.58
N CYS B 42 11.34 -13.00 0.49
CA CYS B 42 10.38 -12.00 0.97
C CYS B 42 9.13 -12.67 1.52
N GLN B 43 8.43 -11.94 2.37
CA GLN B 43 7.14 -12.37 2.88
C GLN B 43 6.03 -12.07 1.88
N LEU B 44 4.91 -12.75 2.05
CA LEU B 44 3.77 -12.62 1.15
C LEU B 44 3.24 -11.19 1.15
N ALA B 45 3.19 -10.59 -0.04
CA ALA B 45 2.56 -9.30 -0.29
C ALA B 45 3.25 -8.12 0.39
N LYS B 46 4.45 -8.31 0.91
CA LYS B 46 5.18 -7.23 1.56
C LYS B 46 6.04 -6.47 0.55
N THR B 47 6.41 -5.24 0.92
CA THR B 47 7.20 -4.38 0.04
C THR B 47 8.57 -4.98 -0.23
N CYS B 48 8.90 -5.11 -1.52
CA CYS B 48 10.23 -5.52 -1.95
C CYS B 48 10.88 -4.39 -2.73
N PRO B 49 11.80 -3.65 -2.14
CA PRO B 49 12.47 -2.55 -2.87
C PRO B 49 13.51 -3.10 -3.84
N VAL B 50 13.41 -2.69 -5.09
CA VAL B 50 14.39 -3.04 -6.11
C VAL B 50 14.93 -1.75 -6.70
N GLN B 51 16.24 -1.58 -6.65
CA GLN B 51 16.88 -0.39 -7.19
C GLN B 51 17.20 -0.58 -8.66
N LEU B 52 17.06 0.51 -9.41
CA LEU B 52 17.48 0.55 -10.81
C LEU B 52 18.66 1.51 -10.89
N TRP B 53 19.74 1.08 -11.53
CA TRP B 53 20.95 1.87 -11.69
C TRP B 53 21.27 1.97 -13.17
N VAL B 54 21.68 3.16 -13.63
CA VAL B 54 22.14 3.37 -14.99
C VAL B 54 23.39 4.24 -14.98
N ASP B 55 24.23 4.07 -16.01
CA ASP B 55 25.37 4.95 -16.21
C ASP B 55 24.99 6.24 -16.90
N SER B 56 23.93 6.23 -17.69
CA SER B 56 23.45 7.42 -18.38
C SER B 56 21.93 7.40 -18.42
N THR B 57 21.34 8.60 -18.52
CA THR B 57 19.90 8.75 -18.38
C THR B 57 19.18 8.30 -19.64
N PRO B 58 18.25 7.35 -19.55
CA PRO B 58 17.49 6.94 -20.73
C PRO B 58 16.45 8.00 -21.09
N PRO B 59 15.92 7.95 -22.32
CA PRO B 59 15.03 9.02 -22.81
C PRO B 59 13.70 9.01 -22.08
N PRO B 60 13.00 10.15 -22.08
CA PRO B 60 11.63 10.17 -21.54
C PRO B 60 10.76 9.17 -22.29
N GLY B 61 9.94 8.44 -21.53
CA GLY B 61 9.12 7.39 -22.10
C GLY B 61 9.70 6.00 -21.94
N THR B 62 10.95 5.89 -21.49
CA THR B 62 11.51 4.59 -21.15
C THR B 62 10.71 4.00 -19.99
N ARG B 63 10.53 2.68 -19.99
CA ARG B 63 9.77 1.99 -18.97
C ARG B 63 10.54 0.80 -18.42
N VAL B 64 10.07 0.28 -17.29
CA VAL B 64 10.71 -0.86 -16.63
C VAL B 64 9.64 -1.91 -16.37
N ARG B 65 9.86 -3.12 -16.89
CA ARG B 65 8.89 -4.21 -16.81
C ARG B 65 9.44 -5.34 -15.94
N ALA B 66 8.53 -5.98 -15.19
CA ALA B 66 8.86 -7.15 -14.39
C ALA B 66 7.99 -8.33 -14.80
N MET B 67 8.60 -9.50 -14.89
CA MET B 67 7.93 -10.73 -15.29
C MET B 67 8.57 -11.89 -14.54
N ALA B 68 7.77 -12.86 -14.12
CA ALA B 68 8.31 -14.06 -13.48
C ALA B 68 8.32 -15.24 -14.44
N ILE B 69 9.35 -16.08 -14.34
CA ILE B 69 9.39 -17.36 -15.03
C ILE B 69 9.89 -18.43 -14.07
N TYR B 70 9.54 -19.69 -14.35
CA TYR B 70 10.10 -20.78 -13.56
C TYR B 70 11.56 -21.00 -13.91
N LYS B 71 12.36 -21.28 -12.88
CA LYS B 71 13.80 -21.43 -13.05
C LYS B 71 14.18 -22.76 -13.69
N GLN B 72 13.50 -23.84 -13.32
CA GLN B 72 13.88 -25.18 -13.78
C GLN B 72 13.47 -25.40 -15.22
N SER B 73 14.32 -26.11 -15.97
N SER B 73 14.32 -26.12 -15.96
CA SER B 73 14.08 -26.32 -17.39
CA SER B 73 14.10 -26.35 -17.38
C SER B 73 12.76 -27.05 -17.65
C SER B 73 12.75 -27.03 -17.63
N GLN B 74 12.36 -27.94 -16.75
CA GLN B 74 11.11 -28.68 -16.94
C GLN B 74 9.88 -27.81 -16.75
N HIS B 75 10.00 -26.65 -16.11
CA HIS B 75 8.86 -25.81 -15.83
C HIS B 75 8.88 -24.46 -16.54
N MET B 76 9.98 -24.12 -17.23
CA MET B 76 10.12 -22.77 -17.75
CA MET B 76 10.13 -22.77 -17.76
C MET B 76 9.07 -22.43 -18.80
N THR B 77 8.49 -23.41 -19.49
CA THR B 77 7.46 -23.08 -20.48
C THR B 77 6.08 -22.81 -19.87
N GLU B 78 5.90 -23.01 -18.57
CA GLU B 78 4.61 -22.80 -17.93
C GLU B 78 4.50 -21.36 -17.40
N VAL B 79 3.37 -20.71 -17.68
CA VAL B 79 3.14 -19.36 -17.18
C VAL B 79 3.13 -19.37 -15.65
N VAL B 80 3.89 -18.48 -15.04
CA VAL B 80 3.85 -18.28 -13.59
C VAL B 80 2.61 -17.46 -13.26
N ARG B 81 1.73 -18.01 -12.42
CA ARG B 81 0.50 -17.32 -12.07
C ARG B 81 0.18 -17.58 -10.61
N ARG B 82 -0.77 -16.80 -10.09
CA ARG B 82 -1.23 -17.06 -8.73
C ARG B 82 -2.04 -18.35 -8.67
N CYS B 83 -2.04 -18.95 -7.49
CA CYS B 83 -2.65 -20.24 -7.25
C CYS B 83 -4.17 -20.16 -7.27
N PRO B 84 -4.86 -21.31 -7.29
CA PRO B 84 -6.33 -21.27 -7.38
C PRO B 84 -6.99 -20.60 -6.19
N HIS B 85 -6.35 -20.59 -5.02
CA HIS B 85 -6.92 -19.89 -3.88
C HIS B 85 -6.74 -18.38 -4.00
N HIS B 86 -5.50 -17.95 -4.21
CA HIS B 86 -5.22 -16.51 -4.17
C HIS B 86 -5.83 -15.76 -5.35
N GLU B 87 -5.97 -16.40 -6.52
CA GLU B 87 -6.62 -15.70 -7.62
C GLU B 87 -8.09 -15.42 -7.33
N ARG B 88 -8.67 -16.08 -6.32
CA ARG B 88 -10.09 -15.96 -5.99
C ARG B 88 -10.34 -15.26 -4.65
N CYS B 89 -9.35 -14.58 -4.08
N CYS B 89 -9.34 -14.57 -4.11
CA CYS B 89 -9.52 -14.03 -2.73
CA CYS B 89 -9.41 -13.98 -2.77
C CYS B 89 -9.85 -12.53 -2.73
C CYS B 89 -10.01 -12.58 -2.72
N SER B 90 -10.25 -11.96 -3.87
CA SER B 90 -10.75 -10.58 -3.93
C SER B 90 -9.78 -9.57 -3.32
N ASP B 91 -8.50 -9.76 -3.57
CA ASP B 91 -7.49 -8.90 -2.95
C ASP B 91 -6.81 -7.95 -3.93
N SER B 92 -7.42 -7.73 -5.10
CA SER B 92 -6.84 -6.81 -6.06
C SER B 92 -6.94 -5.38 -5.55
N ASP B 93 -6.12 -4.51 -6.14
CA ASP B 93 -6.13 -3.09 -5.84
C ASP B 93 -6.89 -2.28 -6.88
N GLY B 94 -7.71 -2.94 -7.70
CA GLY B 94 -8.37 -2.29 -8.82
C GLY B 94 -7.53 -2.15 -10.06
N LEU B 95 -6.21 -2.32 -9.96
CA LEU B 95 -5.31 -2.27 -11.10
C LEU B 95 -4.76 -3.63 -11.48
N ALA B 96 -4.20 -4.35 -10.52
CA ALA B 96 -3.59 -5.64 -10.82
C ALA B 96 -4.68 -6.68 -11.04
N PRO B 97 -4.64 -7.44 -12.14
CA PRO B 97 -5.55 -8.57 -12.27
C PRO B 97 -5.28 -9.56 -11.16
N PRO B 98 -6.31 -10.25 -10.68
CA PRO B 98 -6.11 -11.15 -9.54
C PRO B 98 -5.21 -12.34 -9.83
N GLN B 99 -4.99 -12.66 -11.11
CA GLN B 99 -4.09 -13.75 -11.46
C GLN B 99 -2.61 -13.40 -11.37
N HIS B 100 -2.25 -12.11 -11.37
CA HIS B 100 -0.85 -11.71 -11.50
C HIS B 100 -0.06 -11.88 -10.20
N LEU B 101 1.06 -12.59 -10.28
CA LEU B 101 1.91 -12.77 -9.10
C LEU B 101 2.58 -11.48 -8.65
N ILE B 102 3.11 -10.70 -9.59
CA ILE B 102 3.90 -9.51 -9.26
C ILE B 102 3.04 -8.27 -9.41
N ARG B 103 2.99 -7.47 -8.35
CA ARG B 103 2.36 -6.15 -8.39
C ARG B 103 3.41 -5.09 -8.11
N VAL B 104 3.14 -3.87 -8.60
CA VAL B 104 3.89 -2.69 -8.18
C VAL B 104 3.07 -1.97 -7.13
N GLU B 105 3.70 -1.63 -6.02
CA GLU B 105 3.04 -0.94 -4.92
C GLU B 105 3.22 0.57 -5.09
N GLY B 106 2.12 1.32 -4.94
CA GLY B 106 2.21 2.77 -4.84
C GLY B 106 2.61 3.51 -6.10
N ASN B 107 2.13 3.06 -7.27
CA ASN B 107 2.38 3.76 -8.52
C ASN B 107 1.13 3.63 -9.39
N LEU B 108 0.35 4.71 -9.47
CA LEU B 108 -0.88 4.67 -10.27
C LEU B 108 -0.62 4.60 -11.76
N ARG B 109 0.63 4.75 -12.20
CA ARG B 109 0.95 4.61 -13.62
C ARG B 109 1.39 3.19 -13.98
N ALA B 110 1.35 2.26 -13.03
CA ALA B 110 1.63 0.87 -13.33
C ALA B 110 0.56 0.32 -14.28
N GLU B 111 1.02 -0.46 -15.26
CA GLU B 111 0.14 -1.14 -16.20
C GLU B 111 0.44 -2.62 -16.15
N TYR B 112 -0.61 -3.43 -16.28
CA TYR B 112 -0.50 -4.87 -16.20
C TYR B 112 -0.85 -5.47 -17.56
N LEU B 113 0.01 -6.35 -18.05
CA LEU B 113 -0.15 -6.94 -19.37
C LEU B 113 -0.41 -8.43 -19.25
N ASP B 114 -1.46 -8.91 -19.93
CA ASP B 114 -1.62 -10.33 -20.26
C ASP B 114 -1.20 -10.45 -21.72
N ASP B 115 -0.06 -11.08 -21.98
CA ASP B 115 0.44 -11.12 -23.36
C ASP B 115 -0.52 -11.93 -24.23
N ARG B 116 -0.89 -11.35 -25.38
CA ARG B 116 -1.90 -11.97 -26.24
C ARG B 116 -1.40 -13.25 -26.90
N ASN B 117 -0.09 -13.41 -27.05
CA ASN B 117 0.47 -14.58 -27.71
C ASN B 117 1.04 -15.60 -26.75
N THR B 118 1.72 -15.16 -25.69
CA THR B 118 2.35 -16.07 -24.74
C THR B 118 1.53 -16.29 -23.48
N PHE B 119 0.55 -15.42 -23.21
CA PHE B 119 -0.29 -15.46 -22.02
C PHE B 119 0.48 -15.16 -20.74
N ARG B 120 1.73 -14.74 -20.85
CA ARG B 120 2.49 -14.41 -19.65
C ARG B 120 2.08 -13.05 -19.10
N HIS B 121 2.25 -12.89 -17.81
CA HIS B 121 1.88 -11.67 -17.09
C HIS B 121 3.10 -10.80 -16.86
N SER B 122 2.89 -9.50 -16.90
CA SER B 122 3.96 -8.58 -16.51
C SER B 122 3.34 -7.29 -16.00
N VAL B 123 4.16 -6.52 -15.31
CA VAL B 123 3.77 -5.21 -14.81
C VAL B 123 4.86 -4.21 -15.19
N VAL B 124 4.46 -3.06 -15.71
CA VAL B 124 5.39 -2.10 -16.27
C VAL B 124 5.09 -0.70 -15.74
N VAL B 125 6.14 0.05 -15.43
CA VAL B 125 5.97 1.43 -14.95
C VAL B 125 6.90 2.33 -15.74
N PRO B 126 6.60 3.62 -15.81
CA PRO B 126 7.53 4.57 -16.43
C PRO B 126 8.79 4.72 -15.59
N CYS B 127 9.91 4.93 -16.28
CA CYS B 127 11.12 5.36 -15.60
C CYS B 127 10.93 6.79 -15.10
N GLU B 128 11.29 7.02 -13.85
CA GLU B 128 11.39 8.38 -13.35
C GLU B 128 12.76 8.58 -12.73
N PRO B 129 13.29 9.79 -12.77
CA PRO B 129 14.63 10.03 -12.25
C PRO B 129 14.68 9.85 -10.75
N PRO B 130 15.86 9.60 -10.19
CA PRO B 130 15.99 9.52 -8.73
C PRO B 130 15.54 10.82 -8.09
N GLU B 131 14.90 10.69 -6.93
CA GLU B 131 14.56 11.88 -6.16
C GLU B 131 15.84 12.58 -5.73
N VAL B 132 15.73 13.88 -5.48
CA VAL B 132 16.90 14.66 -5.05
C VAL B 132 17.48 14.03 -3.80
N GLY B 133 18.80 13.91 -3.78
CA GLY B 133 19.47 13.25 -2.67
C GLY B 133 19.55 11.75 -2.78
N SER B 134 19.21 11.18 -3.94
CA SER B 134 19.36 9.75 -4.18
C SER B 134 20.08 9.56 -5.51
N ASP B 135 20.81 8.45 -5.63
CA ASP B 135 21.56 8.13 -6.84
C ASP B 135 20.90 7.08 -7.70
N CYS B 136 19.79 6.49 -7.26
CA CYS B 136 19.11 5.47 -8.02
C CYS B 136 17.61 5.64 -7.85
N THR B 137 16.86 4.94 -8.67
CA THR B 137 15.40 4.90 -8.56
C THR B 137 15.02 3.55 -7.99
N THR B 138 14.00 3.54 -7.14
CA THR B 138 13.55 2.32 -6.49
C THR B 138 12.11 2.04 -6.90
N ILE B 139 11.83 0.80 -7.28
CA ILE B 139 10.48 0.32 -7.49
C ILE B 139 10.14 -0.60 -6.32
N HIS B 140 8.91 -0.50 -5.82
CA HIS B 140 8.43 -1.39 -4.76
C HIS B 140 7.54 -2.46 -5.39
N TYR B 141 7.99 -3.71 -5.35
CA TYR B 141 7.21 -4.84 -5.83
C TYR B 141 6.57 -5.60 -4.66
N ASN B 142 5.46 -6.27 -4.96
CA ASN B 142 4.83 -7.20 -4.03
C ASN B 142 4.64 -8.53 -4.74
N TYR B 143 4.93 -9.63 -4.06
CA TYR B 143 4.69 -10.97 -4.59
C TYR B 143 3.49 -11.56 -3.88
N MET B 144 2.51 -12.02 -4.66
CA MET B 144 1.16 -12.24 -4.14
C MET B 144 0.80 -13.72 -3.91
N CYS B 145 1.77 -14.62 -4.01
CA CYS B 145 1.63 -16.01 -3.57
C CYS B 145 2.93 -16.44 -2.88
N TYR B 146 2.81 -17.40 -1.98
CA TYR B 146 3.99 -18.09 -1.46
C TYR B 146 4.57 -19.01 -2.52
N SER B 147 5.90 -19.21 -2.45
CA SER B 147 6.52 -20.21 -3.31
C SER B 147 5.86 -21.57 -3.17
N SER B 148 5.33 -21.88 -2.00
CA SER B 148 4.75 -23.19 -1.71
C SER B 148 3.28 -23.32 -2.12
N CYS B 149 2.64 -22.27 -2.63
CA CYS B 149 1.19 -22.33 -2.86
C CYS B 149 0.79 -23.50 -3.77
N MET B 150 -0.10 -24.35 -3.26
CA MET B 150 -0.55 -25.52 -4.01
CA MET B 150 -0.51 -25.51 -4.03
C MET B 150 -1.34 -25.08 -5.25
N GLY B 151 -1.06 -25.73 -6.38
CA GLY B 151 -1.72 -25.36 -7.62
C GLY B 151 -1.19 -24.10 -8.28
N GLY B 152 -0.30 -23.36 -7.62
CA GLY B 152 0.41 -22.26 -8.22
C GLY B 152 1.87 -22.62 -8.37
N MET B 153 2.76 -21.84 -7.75
CA MET B 153 4.19 -22.13 -7.86
C MET B 153 4.53 -23.51 -7.33
N ASN B 154 3.82 -23.98 -6.29
CA ASN B 154 3.92 -25.37 -5.83
C ASN B 154 5.37 -25.79 -5.55
N ARG B 155 6.09 -24.92 -4.83
CA ARG B 155 7.46 -25.12 -4.37
CA ARG B 155 7.45 -25.13 -4.37
C ARG B 155 8.50 -25.02 -5.48
N ARG B 156 8.09 -24.64 -6.68
CA ARG B 156 9.04 -24.51 -7.78
C ARG B 156 9.68 -23.13 -7.75
N PRO B 157 11.01 -23.05 -7.80
CA PRO B 157 11.67 -21.74 -7.78
C PRO B 157 11.36 -20.92 -9.03
N ILE B 158 11.28 -19.61 -8.84
CA ILE B 158 11.05 -18.68 -9.93
C ILE B 158 12.20 -17.69 -10.01
N LEU B 159 12.30 -17.05 -11.17
CA LEU B 159 13.13 -15.88 -11.38
C LEU B 159 12.23 -14.71 -11.74
N THR B 160 12.61 -13.51 -11.30
CA THR B 160 12.03 -12.28 -11.83
C THR B 160 12.99 -11.70 -12.84
N ILE B 161 12.49 -11.36 -14.02
CA ILE B 161 13.25 -10.70 -15.07
C ILE B 161 12.81 -9.25 -15.12
N ILE B 162 13.76 -8.33 -15.01
CA ILE B 162 13.49 -6.90 -15.07
C ILE B 162 14.07 -6.38 -16.38
N THR B 163 13.22 -5.79 -17.21
CA THR B 163 13.67 -5.29 -18.50
C THR B 163 13.45 -3.78 -18.56
N LEU B 164 14.47 -3.07 -19.03
CA LEU B 164 14.35 -1.67 -19.41
C LEU B 164 13.93 -1.65 -20.87
N GLU B 165 12.90 -0.88 -21.20
CA GLU B 165 12.32 -0.88 -22.54
C GLU B 165 12.09 0.55 -23.03
N ASP B 166 12.14 0.73 -24.35
CA ASP B 166 11.73 2.02 -24.88
C ASP B 166 10.21 2.11 -24.93
N SER B 167 9.71 3.24 -25.45
CA SER B 167 8.27 3.48 -25.42
C SER B 167 7.49 2.52 -26.31
N SER B 168 8.15 1.88 -27.28
CA SER B 168 7.53 0.84 -28.11
C SER B 168 7.60 -0.55 -27.50
N GLY B 169 8.32 -0.72 -26.40
CA GLY B 169 8.55 -2.03 -25.83
C GLY B 169 9.82 -2.71 -26.26
N ASN B 170 10.67 -2.05 -27.05
CA ASN B 170 11.93 -2.65 -27.48
C ASN B 170 12.93 -2.72 -26.32
N LEU B 171 13.72 -3.78 -26.32
CA LEU B 171 14.64 -4.04 -25.22
C LEU B 171 15.78 -3.03 -25.19
N LEU B 172 16.02 -2.46 -24.01
CA LEU B 172 17.20 -1.64 -23.78
C LEU B 172 18.18 -2.23 -22.78
N GLY B 173 17.68 -3.03 -21.83
CA GLY B 173 18.53 -3.67 -20.84
C GLY B 173 17.76 -4.73 -20.11
N ARG B 174 18.49 -5.65 -19.47
CA ARG B 174 17.86 -6.78 -18.81
C ARG B 174 18.70 -7.22 -17.61
N ASP B 175 18.02 -7.60 -16.54
CA ASP B 175 18.65 -8.18 -15.36
C ASP B 175 17.64 -9.14 -14.74
N SER B 176 18.08 -9.93 -13.77
CA SER B 176 17.19 -10.94 -13.19
C SER B 176 17.69 -11.38 -11.83
N PHE B 177 16.79 -11.97 -11.04
CA PHE B 177 17.10 -12.52 -9.73
C PHE B 177 16.09 -13.61 -9.39
N GLU B 178 16.54 -14.62 -8.64
CA GLU B 178 15.64 -15.64 -8.12
C GLU B 178 14.82 -15.04 -6.97
N VAL B 179 13.62 -15.60 -6.75
CA VAL B 179 12.74 -15.16 -5.67
C VAL B 179 12.22 -16.37 -4.92
N ARG B 180 12.20 -16.29 -3.59
CA ARG B 180 11.48 -17.22 -2.73
C ARG B 180 10.54 -16.39 -1.88
N VAL B 181 9.23 -16.67 -1.96
CA VAL B 181 8.25 -16.01 -1.12
C VAL B 181 7.92 -16.97 0.01
N CYS B 182 8.17 -16.53 1.25
CA CYS B 182 8.16 -17.46 2.37
C CYS B 182 7.83 -16.72 3.65
N ALA B 183 7.52 -17.50 4.70
CA ALA B 183 7.10 -16.91 5.96
C ALA B 183 8.26 -16.25 6.71
N CYS B 184 9.46 -16.82 6.61
CA CYS B 184 10.61 -16.33 7.37
C CYS B 184 11.80 -16.14 6.45
N PRO B 185 11.82 -15.03 5.70
CA PRO B 185 12.92 -14.81 4.74
C PRO B 185 14.29 -14.77 5.38
N GLY B 186 14.42 -14.21 6.58
CA GLY B 186 15.73 -14.12 7.21
C GLY B 186 16.31 -15.48 7.51
N ARG B 187 15.48 -16.36 8.10
CA ARG B 187 15.92 -17.72 8.39
C ARG B 187 16.21 -18.49 7.10
N ASP B 188 15.35 -18.35 6.10
CA ASP B 188 15.56 -19.10 4.86
C ASP B 188 16.81 -18.63 4.12
N ARG B 189 17.09 -17.32 4.15
CA ARG B 189 18.32 -16.85 3.54
C ARG B 189 19.54 -17.43 4.26
N ARG B 190 19.53 -17.43 5.60
CA ARG B 190 20.66 -18.01 6.33
C ARG B 190 20.83 -19.48 6.00
N THR B 191 19.72 -20.23 5.95
CA THR B 191 19.78 -21.66 5.66
C THR B 191 20.36 -21.91 4.28
N GLU B 192 19.86 -21.20 3.26
CA GLU B 192 20.31 -21.46 1.90
C GLU B 192 21.75 -20.99 1.67
N GLU B 193 22.16 -19.90 2.33
CA GLU B 193 23.56 -19.50 2.25
C GLU B 193 24.45 -20.50 2.99
N GLU B 194 23.94 -21.07 4.08
CA GLU B 194 24.67 -22.12 4.78
C GLU B 194 24.85 -23.34 3.89
N ASN B 195 23.79 -23.75 3.19
CA ASN B 195 23.90 -24.89 2.27
C ASN B 195 24.92 -24.60 1.16
N LEU B 196 24.95 -23.36 0.69
CA LEU B 196 25.91 -23.01 -0.37
C LEU B 196 27.34 -23.16 0.10
N ARG B 197 27.64 -22.69 1.32
CA ARG B 197 28.99 -22.84 1.86
C ARG B 197 29.32 -24.30 2.10
N LYS B 198 28.41 -25.03 2.73
CA LYS B 198 28.60 -26.46 2.94
C LYS B 198 28.43 -27.22 1.63
ZN ZN C . -21.58 0.02 15.13
C1 9H2 D . -2.44 28.30 5.47
C2 9H2 D . -3.55 28.36 4.63
C3 9H2 D . -4.44 27.28 4.51
C4 9H2 D . -4.22 26.11 5.26
C5 9H2 D . -3.10 26.03 6.10
C6 9H2 D . -2.21 27.13 6.20
N1 9H2 D . -5.05 24.96 5.17
C7 9H2 D . -6.28 24.75 5.76
C8 9H2 D . -6.71 23.50 5.42
C9 9H2 D . -5.73 22.91 4.60
C10 9H2 D . -4.72 23.83 4.46
I1 9H2 D . -2.71 24.28 7.25
I2 9H2 D . -6.05 27.62 3.18
C11 9H2 D . -1.50 29.48 5.57
O1 9H2 D . -1.96 30.56 4.77
O2 9H2 D . -1.10 27.12 7.01
C1 GOL E . -13.95 -1.96 21.96
O1 GOL E . -12.98 -2.07 22.97
C2 GOL E . -15.10 -2.91 22.25
O2 GOL E . -14.90 -3.49 23.52
C3 GOL E . -16.41 -2.13 22.24
O3 GOL E . -17.44 -2.93 22.77
C1 GOL F . -25.06 4.32 -1.09
O1 GOL F . -24.21 5.01 -1.98
C2 GOL F . -24.42 4.32 0.29
O2 GOL F . -23.21 3.58 0.25
C3 GOL F . -25.41 3.74 1.31
O3 GOL F . -25.04 4.11 2.61
ZN ZN G . -1.22 -18.57 -3.56
C1 9H2 H . 18.56 8.89 -13.90
C2 9H2 H . 17.43 8.96 -14.72
C3 9H2 H . 16.51 7.90 -14.80
C4 9H2 H . 16.74 6.73 -14.05
C5 9H2 H . 17.88 6.64 -13.24
C6 9H2 H . 18.78 7.71 -13.17
N1 9H2 H . 15.87 5.61 -14.12
C7 9H2 H . 14.64 5.43 -13.52
C8 9H2 H . 14.16 4.17 -13.86
C9 9H2 H . 15.12 3.56 -14.69
C10 9H2 H . 16.16 4.47 -14.84
I1 9H2 H . 18.26 4.89 -12.09
I2 9H2 H . 14.85 8.21 -16.08
C11 9H2 H . 19.53 10.04 -13.82
O1 9H2 H . 18.91 11.26 -14.17
O2 9H2 H . 19.91 7.67 -12.38
C1 GOL I . 3.87 -20.79 3.54
O1 GOL I . 3.13 -20.57 4.72
C2 GOL I . 5.26 -21.34 3.90
O2 GOL I . 5.63 -22.30 2.93
C3 GOL I . 6.26 -20.21 3.85
O3 GOL I . 7.53 -20.65 4.26
C1 GOL J . -4.37 -14.69 -19.98
O1 GOL J . -3.44 -14.00 -20.79
C2 GOL J . -3.81 -14.78 -18.58
O2 GOL J . -2.69 -15.63 -18.57
C3 GOL J . -4.91 -15.29 -17.64
O3 GOL J . -4.50 -15.09 -16.29
#